data_2Z3J
#
_entry.id   2Z3J
#
_cell.length_a   54.802
_cell.length_b   69.952
_cell.length_c   145.844
_cell.angle_alpha   90.00
_cell.angle_beta   90.00
_cell.angle_gamma   90.00
#
_symmetry.space_group_name_H-M   'P 21 21 21'
#
loop_
_entity.id
_entity.type
_entity.pdbx_description
1 polymer 'Blasticidin-S deaminase'
2 non-polymer 'ZINC ION'
3 non-polymer 'CACODYLATE ION'
4 non-polymer 'CHLORIDE ION'
5 water water
#
_entity_poly.entity_id   1
_entity_poly.type   'polypeptide(L)'
_entity_poly.pdbx_seq_one_letter_code
;MPLSQEESTLIERATATINSIPISEDYSVASAALSSDGRIFTGVNVYHFTGGPCAELVVLGTAAAAAAGNLTCIVAIGNE
NRGILSPCGKCRQVLLDLHPGIKAIVKDSDGQPTAVGIRELLPSGYVWEG
;
_entity_poly.pdbx_strand_id   A,B,C,D
#
loop_
_chem_comp.id
_chem_comp.type
_chem_comp.name
_chem_comp.formula
CAC non-polymer 'CACODYLATE ION' 'C2 H6 As O2 -1'
CL non-polymer 'CHLORIDE ION' 'Cl -1'
ZN non-polymer 'ZINC ION' 'Zn 2'
#
# COMPACT_ATOMS: atom_id res chain seq x y z
N PRO A 2 31.31 11.51 -9.83
CA PRO A 2 30.87 10.94 -11.09
C PRO A 2 30.45 9.47 -10.94
N LEU A 3 29.60 9.02 -11.86
CA LEU A 3 29.06 7.67 -11.79
C LEU A 3 29.96 6.67 -12.48
N SER A 4 29.94 5.43 -12.00
CA SER A 4 30.60 4.33 -12.71
C SER A 4 29.93 4.07 -14.06
N GLN A 5 30.58 3.30 -14.92
CA GLN A 5 30.01 2.93 -16.21
C GLN A 5 28.66 2.22 -16.04
N GLU A 6 28.63 1.26 -15.11
CA GLU A 6 27.44 0.48 -14.84
C GLU A 6 26.26 1.36 -14.40
N GLU A 7 26.55 2.37 -13.59
CA GLU A 7 25.53 3.27 -13.05
C GLU A 7 24.93 4.14 -14.16
N SER A 8 25.79 4.67 -15.03
CA SER A 8 25.34 5.40 -16.24
C SER A 8 24.47 4.51 -17.14
N THR A 9 24.87 3.25 -17.26
CA THR A 9 24.12 2.29 -18.05
C THR A 9 22.71 2.12 -17.45
N LEU A 10 22.62 2.06 -16.12
CA LEU A 10 21.31 1.97 -15.47
C LEU A 10 20.39 3.12 -15.84
N ILE A 11 20.91 4.35 -15.77
CA ILE A 11 20.16 5.53 -16.19
C ILE A 11 19.69 5.40 -17.65
N GLU A 12 20.59 5.00 -18.54
CA GLU A 12 20.24 4.81 -19.96
C GLU A 12 19.13 3.80 -20.14
N ARG A 13 19.20 2.67 -19.43
CA ARG A 13 18.22 1.59 -19.58
C ARG A 13 16.85 2.03 -19.06
N ALA A 14 16.82 2.63 -17.87
CA ALA A 14 15.55 3.12 -17.32
C ALA A 14 14.95 4.20 -18.21
N THR A 15 15.81 5.06 -18.75
CA THR A 15 15.32 6.13 -19.62
C THR A 15 14.69 5.57 -20.89
N ALA A 16 15.39 4.63 -21.54
CA ALA A 16 14.90 3.93 -22.72
C ALA A 16 13.56 3.25 -22.43
N THR A 17 13.45 2.61 -21.27
CA THR A 17 12.22 1.91 -20.89
C THR A 17 11.02 2.85 -20.85
N ILE A 18 11.13 3.97 -20.12
CA ILE A 18 9.95 4.84 -19.99
C ILE A 18 9.65 5.57 -21.31
N ASN A 19 10.72 5.93 -22.03
CA ASN A 19 10.57 6.62 -23.32
C ASN A 19 9.96 5.74 -24.41
N SER A 20 10.02 4.43 -24.25
CA SER A 20 9.58 3.50 -25.29
C SER A 20 8.09 3.19 -25.25
N ILE A 21 7.43 3.57 -24.15
CA ILE A 21 6.00 3.23 -23.98
C ILE A 21 5.07 4.45 -24.17
N PRO A 22 3.80 4.19 -24.58
CA PRO A 22 2.85 5.30 -24.67
C PRO A 22 2.79 6.15 -23.38
N ILE A 23 2.72 7.47 -23.53
CA ILE A 23 2.53 8.35 -22.37
C ILE A 23 1.24 7.92 -21.66
N SER A 24 1.34 7.74 -20.35
CA SER A 24 0.24 7.23 -19.54
C SER A 24 0.30 7.78 -18.12
N GLU A 25 -0.88 7.99 -17.54
CA GLU A 25 -1.02 8.42 -16.14
C GLU A 25 -0.84 7.24 -15.19
N ASP A 26 -1.06 6.02 -15.70
CA ASP A 26 -0.93 4.80 -14.90
C ASP A 26 0.51 4.27 -14.89
N TYR A 27 1.20 4.48 -16.01
CA TYR A 27 2.53 3.92 -16.21
C TYR A 27 3.44 5.08 -16.61
N SER A 28 4.08 5.68 -15.61
CA SER A 28 4.73 7.01 -15.80
C SER A 28 6.19 7.12 -15.33
N VAL A 29 6.70 6.07 -14.68
CA VAL A 29 8.09 6.02 -14.21
C VAL A 29 8.66 4.65 -14.56
N ALA A 30 9.95 4.63 -14.96
CA ALA A 30 10.67 3.36 -15.12
C ALA A 30 11.80 3.33 -14.11
N SER A 31 12.28 2.13 -13.82
CA SER A 31 13.40 1.91 -12.93
C SER A 31 14.29 0.83 -13.56
N ALA A 32 15.58 0.89 -13.27
CA ALA A 32 16.49 -0.20 -13.59
C ALA A 32 17.38 -0.43 -12.38
N ALA A 33 17.65 -1.70 -12.09
CA ALA A 33 18.57 -2.06 -11.03
C ALA A 33 19.62 -3.03 -11.55
N LEU A 34 20.75 -3.02 -10.85
CA LEU A 34 21.89 -3.84 -11.17
C LEU A 34 22.05 -4.87 -10.07
N SER A 35 22.26 -6.13 -10.48
CA SER A 35 22.50 -7.21 -9.53
C SER A 35 24.02 -7.40 -9.31
N SER A 36 24.39 -8.06 -8.22
CA SER A 36 25.79 -8.28 -7.90
C SER A 36 26.50 -9.10 -8.98
N ASP A 37 25.73 -9.91 -9.72
CA ASP A 37 26.28 -10.70 -10.82
C ASP A 37 26.36 -9.93 -12.15
N GLY A 38 25.93 -8.67 -12.13
CA GLY A 38 26.06 -7.77 -13.28
C GLY A 38 24.84 -7.65 -14.20
N ARG A 39 23.79 -8.42 -13.94
CA ARG A 39 22.57 -8.33 -14.73
C ARG A 39 21.81 -7.05 -14.42
N ILE A 40 21.04 -6.58 -15.40
CA ILE A 40 20.16 -5.42 -15.25
C ILE A 40 18.68 -5.80 -15.41
N PHE A 41 17.85 -5.31 -14.49
CA PHE A 41 16.42 -5.54 -14.56
C PHE A 41 15.67 -4.22 -14.59
N THR A 42 14.63 -4.17 -15.40
CA THR A 42 13.86 -2.94 -15.60
C THR A 42 12.39 -3.17 -15.26
N GLY A 43 11.63 -2.08 -15.18
CA GLY A 43 10.22 -2.19 -14.86
C GLY A 43 9.61 -0.80 -14.94
N VAL A 44 8.27 -0.75 -14.99
CA VAL A 44 7.53 0.49 -14.94
C VAL A 44 6.57 0.37 -13.75
N ASN A 45 6.15 1.52 -13.19
CA ASN A 45 5.22 1.51 -12.08
C ASN A 45 3.81 1.07 -12.51
N VAL A 46 2.99 0.75 -11.52
CA VAL A 46 1.56 0.50 -11.74
C VAL A 46 0.80 1.40 -10.76
N TYR A 47 0.36 2.57 -11.23
CA TYR A 47 -0.29 3.50 -10.32
C TYR A 47 -1.64 2.97 -9.85
N HIS A 48 -1.87 3.04 -8.53
CA HIS A 48 -3.21 2.76 -8.01
C HIS A 48 -3.32 3.25 -6.58
N PHE A 49 -4.51 3.77 -6.25
CA PHE A 49 -4.79 4.34 -4.93
C PHE A 49 -4.67 3.35 -3.78
N THR A 50 -4.81 2.06 -4.08
CA THR A 50 -4.65 1.01 -3.05
C THR A 50 -3.17 0.71 -2.77
N GLY A 51 -2.28 1.43 -3.44
CA GLY A 51 -0.84 1.26 -3.28
C GLY A 51 -0.23 0.39 -4.37
N GLY A 52 -0.57 0.68 -5.62
CA GLY A 52 0.13 0.03 -6.75
C GLY A 52 1.63 0.29 -6.69
N PRO A 53 2.45 -0.69 -7.10
CA PRO A 53 3.87 -0.54 -6.86
C PRO A 53 4.52 0.57 -7.68
N CYS A 54 5.48 1.26 -7.05
CA CYS A 54 6.36 2.09 -7.85
C CYS A 54 7.23 1.22 -8.78
N ALA A 55 7.83 1.87 -9.77
CA ALA A 55 8.69 1.14 -10.71
C ALA A 55 9.78 0.34 -9.97
N GLU A 56 10.33 0.91 -8.90
CA GLU A 56 11.40 0.24 -8.15
C GLU A 56 10.95 -1.12 -7.63
N LEU A 57 9.71 -1.21 -7.17
CA LEU A 57 9.22 -2.45 -6.60
C LEU A 57 8.91 -3.47 -7.69
N VAL A 58 8.43 -2.98 -8.84
CA VAL A 58 8.24 -3.85 -10.00
C VAL A 58 9.60 -4.45 -10.40
N VAL A 59 10.64 -3.62 -10.40
CA VAL A 59 12.03 -4.06 -10.61
C VAL A 59 12.47 -5.12 -9.58
N LEU A 60 12.18 -4.88 -8.31
CA LEU A 60 12.46 -5.91 -7.28
C LEU A 60 11.82 -7.26 -7.58
N GLY A 61 10.55 -7.26 -8.01
CA GLY A 61 9.84 -8.51 -8.29
C GLY A 61 10.38 -9.17 -9.56
N THR A 62 10.80 -8.34 -10.50
CA THR A 62 11.39 -8.79 -11.78
C THR A 62 12.76 -9.47 -11.54
N ALA A 63 13.62 -8.81 -10.77
CA ALA A 63 14.87 -9.39 -10.32
C ALA A 63 14.66 -10.69 -9.55
N ALA A 64 13.70 -10.70 -8.60
CA ALA A 64 13.35 -11.90 -7.82
C ALA A 64 12.91 -13.08 -8.70
N ALA A 65 12.16 -12.76 -9.75
CA ALA A 65 11.67 -13.77 -10.68
C ALA A 65 12.86 -14.40 -11.41
N ALA A 66 13.93 -13.64 -11.58
CA ALA A 66 15.15 -14.12 -12.22
C ALA A 66 16.19 -14.71 -11.25
N ALA A 67 15.82 -14.87 -9.98
CA ALA A 67 16.76 -15.31 -8.91
C ALA A 67 18.04 -14.48 -8.95
N ALA A 68 17.87 -13.16 -9.04
CA ALA A 68 18.98 -12.23 -9.22
C ALA A 68 19.84 -12.10 -7.98
N GLY A 69 19.29 -12.43 -6.80
CA GLY A 69 19.96 -12.24 -5.53
C GLY A 69 20.12 -10.76 -5.20
N ASN A 70 21.26 -10.40 -4.61
CA ASN A 70 21.49 -9.02 -4.16
C ASN A 70 21.55 -7.99 -5.28
N LEU A 71 20.78 -6.91 -5.09
CA LEU A 71 20.86 -5.75 -5.98
C LEU A 71 21.76 -4.69 -5.37
N THR A 72 22.63 -4.11 -6.19
CA THR A 72 23.66 -3.20 -5.72
C THR A 72 23.38 -1.74 -6.04
N CYS A 73 22.56 -1.49 -7.07
CA CYS A 73 22.24 -0.13 -7.49
C CYS A 73 20.88 -0.06 -8.17
N ILE A 74 20.19 1.07 -7.96
CA ILE A 74 18.87 1.30 -8.55
C ILE A 74 18.69 2.77 -8.90
N VAL A 75 17.86 3.02 -9.91
CA VAL A 75 17.52 4.39 -10.31
C VAL A 75 16.08 4.38 -10.84
N ALA A 76 15.42 5.53 -10.72
CA ALA A 76 14.11 5.74 -11.31
C ALA A 76 14.17 6.95 -12.23
N ILE A 77 13.46 6.86 -13.35
CA ILE A 77 13.44 7.93 -14.35
C ILE A 77 11.98 8.22 -14.70
N GLY A 78 11.58 9.48 -14.59
CA GLY A 78 10.22 9.86 -14.92
C GLY A 78 9.99 10.02 -16.41
N ASN A 79 8.73 9.88 -16.81
CA ASN A 79 8.32 10.12 -18.19
C ASN A 79 8.45 11.61 -18.56
N GLU A 80 8.29 11.88 -19.86
CA GLU A 80 8.28 13.24 -20.37
C GLU A 80 9.55 14.01 -20.02
N ASN A 81 10.69 13.33 -20.16
CA ASN A 81 12.02 13.93 -19.94
C ASN A 81 12.20 14.51 -18.54
N ARG A 82 11.50 13.93 -17.56
CA ARG A 82 11.62 14.37 -16.17
C ARG A 82 12.98 13.93 -15.58
N GLY A 83 13.54 12.85 -16.11
CA GLY A 83 14.87 12.42 -15.65
C GLY A 83 14.86 11.76 -14.28
N ILE A 84 16.00 11.78 -13.60
CA ILE A 84 16.20 11.04 -12.34
C ILE A 84 15.23 11.54 -11.29
N LEU A 85 14.57 10.59 -10.61
CA LEU A 85 13.70 10.89 -9.49
C LEU A 85 14.18 10.14 -8.26
N SER A 86 14.28 10.82 -7.12
CA SER A 86 14.68 10.14 -5.87
C SER A 86 13.59 9.16 -5.46
N PRO A 87 13.97 7.99 -4.93
CA PRO A 87 12.94 7.04 -4.53
C PRO A 87 12.04 7.63 -3.42
N CYS A 88 10.75 7.31 -3.49
CA CYS A 88 9.82 7.73 -2.47
C CYS A 88 10.10 6.98 -1.16
N GLY A 89 9.49 7.46 -0.08
CA GLY A 89 9.70 6.88 1.23
C GLY A 89 9.37 5.39 1.31
N LYS A 90 8.29 4.98 0.64
CA LYS A 90 7.91 3.56 0.65
C LYS A 90 8.97 2.71 -0.01
N CYS A 91 9.42 3.11 -1.21
CA CYS A 91 10.50 2.39 -1.89
C CYS A 91 11.76 2.36 -1.03
N ARG A 92 12.10 3.48 -0.39
CA ARG A 92 13.27 3.47 0.50
C ARG A 92 13.18 2.40 1.57
N GLN A 93 12.02 2.27 2.20
CA GLN A 93 11.84 1.27 3.26
C GLN A 93 11.97 -0.16 2.73
N VAL A 94 11.35 -0.43 1.59
CA VAL A 94 11.36 -1.78 1.02
C VAL A 94 12.80 -2.10 0.58
N LEU A 95 13.46 -1.13 -0.05
CA LEU A 95 14.83 -1.31 -0.52
C LEU A 95 15.79 -1.57 0.64
N LEU A 96 15.71 -0.77 1.70
CA LEU A 96 16.54 -0.95 2.89
C LEU A 96 16.33 -2.34 3.50
N ASP A 97 15.07 -2.75 3.58
CA ASP A 97 14.68 -4.02 4.22
C ASP A 97 15.07 -5.27 3.41
N LEU A 98 15.00 -5.17 2.08
CA LEU A 98 15.24 -6.33 1.21
C LEU A 98 16.62 -6.35 0.55
N HIS A 99 17.21 -5.18 0.35
CA HIS A 99 18.54 -5.04 -0.24
C HIS A 99 19.33 -3.98 0.53
N PRO A 100 19.70 -4.28 1.79
CA PRO A 100 20.40 -3.30 2.64
C PRO A 100 21.71 -2.78 2.07
N GLY A 101 22.33 -3.55 1.18
CA GLY A 101 23.59 -3.13 0.56
C GLY A 101 23.44 -2.23 -0.66
N ILE A 102 22.18 -1.92 -1.02
CA ILE A 102 21.88 -1.17 -2.25
C ILE A 102 22.17 0.33 -2.12
N LYS A 103 22.55 0.94 -3.25
CA LYS A 103 22.59 2.37 -3.41
C LYS A 103 21.51 2.80 -4.41
N ALA A 104 20.99 4.01 -4.23
CA ALA A 104 20.09 4.61 -5.20
C ALA A 104 20.78 5.80 -5.84
N ILE A 105 20.62 5.94 -7.15
CA ILE A 105 21.08 7.13 -7.84
C ILE A 105 20.08 8.28 -7.65
N VAL A 106 20.56 9.39 -7.11
CA VAL A 106 19.73 10.59 -6.95
C VAL A 106 20.53 11.79 -7.46
N LYS A 107 19.88 12.95 -7.57
CA LYS A 107 20.60 14.17 -7.93
C LYS A 107 21.12 14.85 -6.65
N ASP A 108 22.42 15.16 -6.63
CA ASP A 108 22.99 15.85 -5.46
C ASP A 108 22.54 17.33 -5.43
N SER A 109 23.06 18.09 -4.46
CA SER A 109 22.63 19.49 -4.28
C SER A 109 23.06 20.41 -5.42
N ASP A 110 23.89 19.89 -6.34
CA ASP A 110 24.29 20.62 -7.55
C ASP A 110 23.60 20.08 -8.79
N GLY A 111 22.65 19.17 -8.61
CA GLY A 111 21.92 18.59 -9.73
C GLY A 111 22.66 17.46 -10.45
N GLN A 112 23.76 16.98 -9.86
CA GLN A 112 24.57 15.94 -10.50
C GLN A 112 24.22 14.56 -9.94
N PRO A 113 24.05 13.56 -10.84
CA PRO A 113 23.77 12.20 -10.38
C PRO A 113 24.84 11.67 -9.45
N THR A 114 24.38 11.03 -8.38
CA THR A 114 25.26 10.49 -7.36
C THR A 114 24.61 9.23 -6.79
N ALA A 115 25.43 8.19 -6.55
CA ALA A 115 24.94 6.95 -5.94
C ALA A 115 25.04 7.02 -4.42
N VAL A 116 23.90 6.88 -3.74
CA VAL A 116 23.82 7.06 -2.29
C VAL A 116 23.38 5.77 -1.59
N GLY A 117 24.05 5.42 -0.49
CA GLY A 117 23.66 4.23 0.26
C GLY A 117 22.23 4.40 0.76
N ILE A 118 21.43 3.34 0.67
CA ILE A 118 20.04 3.40 1.07
C ILE A 118 19.81 3.89 2.52
N ARG A 119 20.68 3.50 3.46
CA ARG A 119 20.54 3.94 4.85
C ARG A 119 20.57 5.46 4.98
N GLU A 120 21.39 6.11 4.16
CA GLU A 120 21.51 7.57 4.20
C GLU A 120 20.23 8.27 3.76
N LEU A 121 19.41 7.56 2.99
CA LEU A 121 18.13 8.10 2.51
C LEU A 121 17.00 7.90 3.52
N LEU A 122 17.28 7.14 4.58
CA LEU A 122 16.36 6.98 5.71
C LEU A 122 17.07 7.14 7.06
N PRO A 123 17.49 8.38 7.38
CA PRO A 123 18.14 8.64 8.67
C PRO A 123 17.23 8.36 9.88
N SER A 124 17.86 8.04 11.01
CA SER A 124 17.13 7.60 12.22
C SER A 124 16.05 6.59 11.80
N GLY A 125 16.44 5.64 10.95
CA GLY A 125 15.47 4.74 10.32
C GLY A 125 14.56 4.02 11.28
N TYR A 126 13.42 3.56 10.75
CA TYR A 126 12.56 2.66 11.51
C TYR A 126 13.20 1.30 11.69
N VAL A 127 13.42 0.92 12.94
CA VAL A 127 13.75 -0.45 13.33
C VAL A 127 12.71 -0.98 14.30
N TRP A 128 12.27 -2.22 14.07
CA TRP A 128 11.21 -2.84 14.86
C TRP A 128 11.47 -2.73 16.35
N PRO B 2 15.60 19.63 25.41
CA PRO B 2 14.64 18.47 25.38
C PRO B 2 13.32 18.86 24.70
N LEU B 3 12.33 17.97 24.82
CA LEU B 3 11.02 18.15 24.21
C LEU B 3 10.18 19.23 24.90
N SER B 4 9.28 19.85 24.14
CA SER B 4 8.29 20.76 24.72
C SER B 4 7.29 19.95 25.52
N GLN B 5 6.50 20.65 26.36
CA GLN B 5 5.47 20.01 27.16
C GLN B 5 4.45 19.31 26.28
N GLU B 6 3.98 20.01 25.24
CA GLU B 6 2.99 19.46 24.34
C GLU B 6 3.51 18.23 23.59
N GLU B 7 4.80 18.23 23.26
CA GLU B 7 5.43 17.09 22.62
C GLU B 7 5.44 15.88 23.54
N SER B 8 5.77 16.13 24.81
CA SER B 8 5.76 15.06 25.83
C SER B 8 4.38 14.45 26.00
N THR B 9 3.35 15.28 25.91
CA THR B 9 1.96 14.83 25.99
C THR B 9 1.64 13.83 24.88
N LEU B 10 2.24 14.00 23.71
CA LEU B 10 2.04 13.04 22.62
C LEU B 10 2.58 11.66 22.98
N ILE B 11 3.80 11.63 23.50
CA ILE B 11 4.39 10.37 23.97
C ILE B 11 3.48 9.71 25.03
N GLU B 12 3.04 10.51 26.02
CA GLU B 12 2.12 10.00 27.07
C GLU B 12 0.85 9.38 26.49
N ARG B 13 0.22 10.11 25.59
CA ARG B 13 -1.03 9.67 25.00
C ARG B 13 -0.90 8.41 24.16
N ALA B 14 0.13 8.34 23.32
CA ALA B 14 0.33 7.14 22.49
C ALA B 14 0.71 5.94 23.36
N THR B 15 1.51 6.19 24.41
CA THR B 15 1.91 5.12 25.36
C THR B 15 0.67 4.58 26.09
N ALA B 16 -0.19 5.48 26.56
CA ALA B 16 -1.47 5.07 27.16
C ALA B 16 -2.32 4.23 26.20
N THR B 17 -2.40 4.66 24.94
CA THR B 17 -3.21 3.94 23.97
C THR B 17 -2.73 2.50 23.78
N ILE B 18 -1.43 2.32 23.52
CA ILE B 18 -0.96 0.96 23.25
C ILE B 18 -0.99 0.07 24.52
N ASN B 19 -0.94 0.70 25.68
CA ASN B 19 -1.12 -0.02 26.95
C ASN B 19 -2.60 -0.18 27.38
N SER B 20 -3.52 0.21 26.52
CA SER B 20 -4.98 0.10 26.80
C SER B 20 -5.71 -0.85 25.84
N ILE B 21 -4.94 -1.59 25.07
CA ILE B 21 -5.52 -2.55 24.13
C ILE B 21 -4.85 -3.92 24.28
N PRO B 22 -5.57 -5.01 23.97
CA PRO B 22 -4.97 -6.34 24.08
C PRO B 22 -3.67 -6.45 23.23
N ILE B 23 -2.70 -7.21 23.72
CA ILE B 23 -1.48 -7.46 22.96
C ILE B 23 -1.84 -8.20 21.67
N SER B 24 -1.41 -7.65 20.53
CA SER B 24 -1.85 -8.12 19.22
C SER B 24 -0.74 -8.01 18.18
N GLU B 25 -0.68 -8.99 17.27
CA GLU B 25 0.22 -8.91 16.12
C GLU B 25 -0.34 -8.04 15.00
N ASP B 26 -1.65 -7.78 15.05
CA ASP B 26 -2.31 -6.94 14.05
C ASP B 26 -2.33 -5.47 14.44
N TYR B 27 -2.42 -5.21 15.75
CA TYR B 27 -2.60 -3.88 16.31
C TYR B 27 -1.50 -3.72 17.32
N SER B 28 -0.33 -3.25 16.86
CA SER B 28 0.89 -3.35 17.65
C SER B 28 1.63 -2.04 17.90
N VAL B 29 1.14 -0.96 17.30
CA VAL B 29 1.79 0.36 17.42
C VAL B 29 0.70 1.40 17.59
N ALA B 30 0.88 2.35 18.52
CA ALA B 30 -0.02 3.50 18.65
C ALA B 30 0.70 4.77 18.21
N SER B 31 -0.06 5.76 17.77
CA SER B 31 0.50 7.04 17.35
C SER B 31 -0.36 8.16 17.93
N ALA B 32 0.24 9.33 18.13
CA ALA B 32 -0.48 10.52 18.61
C ALA B 32 0.09 11.69 17.83
N ALA B 33 -0.80 12.54 17.32
CA ALA B 33 -0.38 13.79 16.67
C ALA B 33 -1.04 15.00 17.30
N LEU B 34 -0.33 16.13 17.26
CA LEU B 34 -0.78 17.42 17.78
C LEU B 34 -1.22 18.32 16.64
N SER B 35 -2.42 18.89 16.75
CA SER B 35 -2.91 19.89 15.81
C SER B 35 -2.52 21.28 16.28
N SER B 36 -2.40 22.22 15.33
CA SER B 36 -2.20 23.64 15.70
C SER B 36 -3.36 24.18 16.56
N ASP B 37 -4.54 23.57 16.43
CA ASP B 37 -5.69 23.96 17.25
C ASP B 37 -5.66 23.45 18.69
N GLY B 38 -4.59 22.71 19.03
CA GLY B 38 -4.37 22.19 20.37
C GLY B 38 -4.83 20.75 20.60
N ARG B 39 -5.70 20.25 19.73
CA ARG B 39 -6.19 18.88 19.88
C ARG B 39 -5.12 17.81 19.61
N ILE B 40 -5.27 16.68 20.28
CA ILE B 40 -4.44 15.52 20.05
C ILE B 40 -5.31 14.41 19.46
N PHE B 41 -4.80 13.73 18.42
CA PHE B 41 -5.48 12.62 17.77
C PHE B 41 -4.61 11.38 17.88
N THR B 42 -5.23 10.25 18.17
CA THR B 42 -4.54 8.98 18.34
C THR B 42 -5.01 7.99 17.27
N GLY B 43 -4.36 6.84 17.24
CA GLY B 43 -4.61 5.81 16.24
C GLY B 43 -3.74 4.61 16.59
N VAL B 44 -4.15 3.44 16.08
CA VAL B 44 -3.32 2.23 16.15
C VAL B 44 -3.22 1.70 14.73
N ASN B 45 -2.12 1.03 14.40
CA ASN B 45 -1.94 0.45 13.05
C ASN B 45 -2.95 -0.65 12.76
N VAL B 46 -3.08 -0.97 11.48
CA VAL B 46 -3.89 -2.09 11.01
C VAL B 46 -3.00 -2.91 10.10
N TYR B 47 -2.34 -3.94 10.65
CA TYR B 47 -1.38 -4.69 9.84
C TYR B 47 -2.07 -5.47 8.72
N HIS B 48 -1.58 -5.33 7.49
CA HIS B 48 -2.02 -6.19 6.40
C HIS B 48 -1.02 -6.19 5.25
N PHE B 49 -0.84 -7.36 4.63
CA PHE B 49 0.11 -7.50 3.53
C PHE B 49 -0.23 -6.62 2.32
N THR B 50 -1.51 -6.25 2.17
CA THR B 50 -1.94 -5.38 1.05
C THR B 50 -1.58 -3.91 1.31
N GLY B 51 -0.96 -3.64 2.45
CA GLY B 51 -0.58 -2.29 2.83
C GLY B 51 -1.54 -1.70 3.84
N GLY B 52 -1.85 -2.47 4.89
CA GLY B 52 -2.64 -1.89 5.99
C GLY B 52 -1.92 -0.67 6.59
N PRO B 53 -2.68 0.38 7.02
CA PRO B 53 -2.02 1.63 7.46
C PRO B 53 -1.19 1.41 8.73
N CYS B 54 -0.01 2.03 8.77
CA CYS B 54 0.66 2.27 10.05
C CYS B 54 -0.19 3.18 10.96
N ALA B 55 0.13 3.18 12.24
CA ALA B 55 -0.58 3.99 13.21
C ALA B 55 -0.63 5.47 12.80
N GLU B 56 0.48 5.98 12.26
CA GLU B 56 0.58 7.40 11.86
C GLU B 56 -0.49 7.73 10.83
N LEU B 57 -0.71 6.81 9.90
CA LEU B 57 -1.73 7.06 8.87
C LEU B 57 -3.17 7.00 9.39
N VAL B 58 -3.43 6.11 10.34
CA VAL B 58 -4.69 6.13 11.08
C VAL B 58 -4.91 7.46 11.81
N VAL B 59 -3.87 7.98 12.47
CA VAL B 59 -3.91 9.30 13.08
C VAL B 59 -4.29 10.37 12.04
N LEU B 60 -3.68 10.31 10.86
CA LEU B 60 -3.92 11.34 9.84
C LEU B 60 -5.38 11.34 9.44
N GLY B 61 -5.95 10.15 9.33
CA GLY B 61 -7.35 10.01 8.93
C GLY B 61 -8.31 10.43 10.03
N THR B 62 -7.90 10.21 11.28
CA THR B 62 -8.67 10.59 12.45
C THR B 62 -8.68 12.12 12.60
N ALA B 63 -7.53 12.74 12.42
CA ALA B 63 -7.41 14.20 12.46
C ALA B 63 -8.25 14.81 11.34
N ALA B 64 -8.12 14.24 10.15
CA ALA B 64 -8.89 14.75 9.00
C ALA B 64 -10.41 14.67 9.25
N ALA B 65 -10.87 13.58 9.87
CA ALA B 65 -12.29 13.39 10.18
C ALA B 65 -12.82 14.47 11.14
N ALA B 66 -11.91 15.05 11.92
CA ALA B 66 -12.22 16.13 12.88
C ALA B 66 -11.95 17.53 12.33
N ALA B 67 -11.61 17.61 11.04
CA ALA B 67 -11.20 18.87 10.40
C ALA B 67 -10.11 19.57 11.20
N ALA B 68 -9.08 18.81 11.59
CA ALA B 68 -8.02 19.30 12.44
C ALA B 68 -7.22 20.41 11.75
N GLY B 69 -6.77 21.38 12.56
CA GLY B 69 -5.83 22.42 12.13
C GLY B 69 -4.51 21.71 11.84
N ASN B 70 -3.71 22.26 10.92
CA ASN B 70 -2.44 21.62 10.52
C ASN B 70 -1.77 20.87 11.65
N LEU B 71 -1.31 19.66 11.37
CA LEU B 71 -0.56 18.88 12.37
C LEU B 71 0.87 19.36 12.47
N THR B 72 1.36 19.49 13.70
CA THR B 72 2.67 20.06 13.94
C THR B 72 3.67 19.04 14.47
N CYS B 73 3.18 17.96 15.10
CA CYS B 73 4.06 16.95 15.69
C CYS B 73 3.35 15.61 15.73
N ILE B 74 4.14 14.54 15.57
CA ILE B 74 3.64 13.16 15.63
C ILE B 74 4.66 12.24 16.28
N VAL B 75 4.18 11.17 16.93
CA VAL B 75 5.07 10.15 17.48
C VAL B 75 4.42 8.79 17.31
N ALA B 76 5.26 7.75 17.22
CA ALA B 76 4.80 6.36 17.24
C ALA B 76 5.41 5.66 18.44
N ILE B 77 4.57 4.90 19.15
CA ILE B 77 5.00 4.12 20.32
C ILE B 77 4.65 2.64 20.11
N GLY B 78 5.66 1.77 20.20
CA GLY B 78 5.46 0.35 19.99
C GLY B 78 4.92 -0.38 21.21
N ASN B 79 4.17 -1.46 20.96
CA ASN B 79 3.78 -2.39 22.04
C ASN B 79 5.00 -3.11 22.60
N GLU B 80 4.75 -4.02 23.54
CA GLU B 80 5.82 -4.76 24.23
C GLU B 80 6.90 -3.83 24.78
N ASN B 81 6.47 -2.63 25.21
CA ASN B 81 7.36 -1.67 25.83
C ASN B 81 8.55 -1.28 24.96
N ARG B 82 8.35 -1.24 23.64
CA ARG B 82 9.44 -0.89 22.74
C ARG B 82 9.78 0.60 22.74
N GLY B 83 8.86 1.43 23.20
CA GLY B 83 9.07 2.88 23.29
C GLY B 83 8.91 3.54 21.93
N ILE B 84 9.68 4.61 21.72
CA ILE B 84 9.56 5.42 20.51
C ILE B 84 10.09 4.70 19.28
N LEU B 85 9.28 4.66 18.22
CA LEU B 85 9.71 4.13 16.92
C LEU B 85 9.71 5.24 15.87
N SER B 86 10.81 5.38 15.13
CA SER B 86 10.87 6.35 14.04
C SER B 86 9.90 5.92 12.94
N PRO B 87 9.20 6.87 12.30
CA PRO B 87 8.24 6.51 11.23
C PRO B 87 8.93 5.74 10.10
N CYS B 88 8.28 4.72 9.55
CA CYS B 88 8.81 4.00 8.40
C CYS B 88 8.84 4.90 7.17
N GLY B 89 9.53 4.46 6.11
CA GLY B 89 9.62 5.26 4.87
C GLY B 89 8.27 5.66 4.27
N LYS B 90 7.32 4.73 4.28
CA LYS B 90 5.99 5.03 3.72
C LYS B 90 5.34 6.16 4.49
N CYS B 91 5.32 6.04 5.81
CA CYS B 91 4.73 7.11 6.65
C CYS B 91 5.44 8.44 6.41
N ARG B 92 6.77 8.40 6.29
CA ARG B 92 7.57 9.60 6.04
C ARG B 92 7.09 10.27 4.75
N GLN B 93 6.89 9.49 3.69
CA GLN B 93 6.44 10.06 2.42
C GLN B 93 5.05 10.70 2.54
N VAL B 94 4.09 9.99 3.15
CA VAL B 94 2.73 10.54 3.35
C VAL B 94 2.77 11.83 4.19
N LEU B 95 3.53 11.82 5.27
CA LEU B 95 3.67 13.01 6.12
C LEU B 95 4.29 14.18 5.36
N LEU B 96 5.36 13.93 4.60
CA LEU B 96 6.00 14.99 3.81
C LEU B 96 5.02 15.62 2.82
N ASP B 97 4.26 14.75 2.14
CA ASP B 97 3.33 15.18 1.10
C ASP B 97 2.08 15.88 1.62
N LEU B 98 1.56 15.41 2.76
CA LEU B 98 0.30 15.93 3.28
C LEU B 98 0.47 16.95 4.41
N HIS B 99 1.59 16.85 5.15
CA HIS B 99 1.86 17.73 6.30
C HIS B 99 3.32 18.12 6.32
N PRO B 100 3.80 18.81 5.27
CA PRO B 100 5.24 19.17 5.13
C PRO B 100 5.83 19.99 6.28
N GLY B 101 4.99 20.63 7.09
CA GLY B 101 5.45 21.39 8.25
C GLY B 101 5.60 20.58 9.52
N ILE B 102 5.25 19.30 9.46
CA ILE B 102 5.21 18.48 10.68
C ILE B 102 6.60 18.05 11.13
N LYS B 103 6.73 17.83 12.44
CA LYS B 103 7.91 17.19 13.02
C LYS B 103 7.50 15.82 13.55
N ALA B 104 8.45 14.90 13.54
CA ALA B 104 8.24 13.58 14.13
C ALA B 104 9.19 13.39 15.31
N ILE B 105 8.72 12.78 16.40
CA ILE B 105 9.58 12.51 17.56
C ILE B 105 10.32 11.21 17.32
N VAL B 106 11.65 11.27 17.35
CA VAL B 106 12.51 10.10 17.16
C VAL B 106 13.50 10.08 18.31
N LYS B 107 14.28 9.02 18.44
CA LYS B 107 15.38 9.02 19.42
C LYS B 107 16.68 9.52 18.81
N ASP B 108 17.37 10.38 19.56
CA ASP B 108 18.73 10.81 19.22
C ASP B 108 19.73 9.67 19.49
N SER B 109 21.01 10.02 19.47
CA SER B 109 22.10 9.09 19.75
C SER B 109 22.03 8.48 21.16
N ASP B 110 21.49 9.24 22.11
CA ASP B 110 21.46 8.84 23.52
C ASP B 110 20.20 8.05 23.88
N GLY B 111 19.32 7.86 22.91
CA GLY B 111 18.04 7.20 23.16
C GLY B 111 17.06 8.20 23.75
N GLN B 112 17.37 9.48 23.59
CA GLN B 112 16.56 10.56 24.12
C GLN B 112 15.61 11.13 23.05
N PRO B 113 14.33 11.27 23.40
CA PRO B 113 13.33 11.83 22.48
C PRO B 113 13.74 13.21 21.91
N THR B 114 13.55 13.38 20.60
CA THR B 114 13.86 14.63 19.91
C THR B 114 12.89 14.84 18.74
N ALA B 115 12.44 16.08 18.54
CA ALA B 115 11.54 16.40 17.43
C ALA B 115 12.32 16.83 16.20
N VAL B 116 12.07 16.16 15.08
CA VAL B 116 12.81 16.43 13.84
C VAL B 116 11.84 16.75 12.71
N GLY B 117 12.16 17.78 11.92
CA GLY B 117 11.35 18.15 10.76
C GLY B 117 11.26 16.96 9.82
N ILE B 118 10.07 16.72 9.28
CA ILE B 118 9.86 15.61 8.36
C ILE B 118 10.85 15.64 7.16
N ARG B 119 11.22 16.82 6.68
CA ARG B 119 12.17 16.88 5.54
C ARG B 119 13.51 16.25 5.88
N GLU B 120 13.95 16.40 7.12
CA GLU B 120 15.21 15.80 7.57
C GLU B 120 15.17 14.28 7.56
N LEU B 121 13.98 13.72 7.68
CA LEU B 121 13.80 12.27 7.66
C LEU B 121 13.72 11.67 6.25
N LEU B 122 13.58 12.52 5.23
CA LEU B 122 13.66 12.09 3.84
C LEU B 122 14.57 13.03 3.04
N PRO B 123 15.90 12.88 3.18
CA PRO B 123 16.79 13.76 2.40
C PRO B 123 16.66 13.46 0.90
N SER B 124 16.98 14.43 0.05
CA SER B 124 16.74 14.32 -1.39
C SER B 124 15.31 13.81 -1.65
N GLY B 125 14.35 14.41 -0.94
CA GLY B 125 12.97 13.91 -0.86
C GLY B 125 12.25 13.87 -2.19
N TYR B 126 11.60 12.75 -2.49
CA TYR B 126 10.73 12.69 -3.67
C TYR B 126 9.52 13.64 -3.52
N VAL B 127 9.25 14.42 -4.56
CA VAL B 127 8.16 15.41 -4.51
C VAL B 127 6.97 14.92 -5.34
N TRP B 128 5.90 14.51 -4.65
CA TRP B 128 4.69 14.08 -5.33
C TRP B 128 3.95 15.31 -5.90
N GLU B 129 3.87 15.39 -7.22
CA GLU B 129 3.27 16.54 -7.89
C GLU B 129 1.90 16.20 -8.48
N LEU C 3 -32.98 -1.80 5.18
CA LEU C 3 -31.96 -1.63 6.27
C LEU C 3 -32.53 -1.57 7.68
N SER C 4 -31.82 -2.15 8.62
CA SER C 4 -32.13 -2.05 10.05
C SER C 4 -31.85 -0.62 10.57
N GLN C 5 -32.33 -0.32 11.78
CA GLN C 5 -32.10 0.96 12.44
C GLN C 5 -30.60 1.27 12.53
N GLU C 6 -29.80 0.30 12.95
CA GLU C 6 -28.37 0.53 13.13
C GLU C 6 -27.64 0.75 11.82
N GLU C 7 -28.10 0.08 10.76
CA GLU C 7 -27.54 0.29 9.41
C GLU C 7 -27.80 1.70 8.90
N SER C 8 -29.05 2.17 9.00
CA SER C 8 -29.39 3.55 8.66
C SER C 8 -28.58 4.56 9.49
N THR C 9 -28.37 4.23 10.77
CA THR C 9 -27.60 5.06 11.67
C THR C 9 -26.14 5.19 11.22
N LEU C 10 -25.53 4.07 10.79
CA LEU C 10 -24.16 4.09 10.29
C LEU C 10 -24.06 5.00 9.06
N ILE C 11 -25.01 4.86 8.13
CA ILE C 11 -25.07 5.76 6.97
C ILE C 11 -25.14 7.23 7.40
N GLU C 12 -26.00 7.54 8.37
CA GLU C 12 -26.12 8.92 8.85
C GLU C 12 -24.83 9.45 9.47
N ARG C 13 -24.17 8.62 10.28
CA ARG C 13 -22.95 9.04 10.96
C ARG C 13 -21.81 9.27 9.97
N ALA C 14 -21.66 8.36 9.01
CA ALA C 14 -20.64 8.51 7.96
C ALA C 14 -20.93 9.73 7.10
N THR C 15 -22.20 9.91 6.72
CA THR C 15 -22.57 11.05 5.89
C THR C 15 -22.27 12.38 6.60
N ALA C 16 -22.65 12.47 7.87
CA ALA C 16 -22.40 13.68 8.65
C ALA C 16 -20.90 13.94 8.76
N THR C 17 -20.11 12.88 8.92
CA THR C 17 -18.67 13.02 9.04
C THR C 17 -18.08 13.65 7.77
N ILE C 18 -18.38 13.09 6.60
CA ILE C 18 -17.77 13.61 5.38
C ILE C 18 -18.28 15.02 5.04
N ASN C 19 -19.57 15.26 5.30
CA ASN C 19 -20.18 16.56 5.01
C ASN C 19 -19.74 17.68 5.95
N SER C 20 -19.17 17.32 7.09
CA SER C 20 -18.76 18.28 8.11
C SER C 20 -17.34 18.83 7.96
N ILE C 21 -16.57 18.33 6.99
CA ILE C 21 -15.19 18.77 6.80
C ILE C 21 -15.06 19.49 5.44
N PRO C 22 -14.05 20.37 5.30
CA PRO C 22 -13.80 21.05 4.01
C PRO C 22 -13.65 20.06 2.86
N ILE C 23 -14.20 20.40 1.69
CA ILE C 23 -14.09 19.56 0.49
C ILE C 23 -12.61 19.43 0.17
N SER C 24 -12.18 18.19 -0.09
CA SER C 24 -10.77 17.89 -0.24
C SER C 24 -10.56 16.70 -1.16
N GLU C 25 -9.50 16.77 -1.96
CA GLU C 25 -9.10 15.64 -2.81
C GLU C 25 -8.29 14.59 -2.04
N ASP C 26 -7.76 14.99 -0.88
CA ASP C 26 -7.01 14.08 0.00
C ASP C 26 -7.89 13.33 0.98
N TYR C 27 -9.00 13.95 1.38
CA TYR C 27 -9.91 13.44 2.41
C TYR C 27 -11.34 13.54 1.88
N SER C 28 -11.77 12.52 1.13
CA SER C 28 -12.97 12.58 0.28
C SER C 28 -14.04 11.50 0.57
N VAL C 29 -13.76 10.60 1.49
CA VAL C 29 -14.71 9.54 1.85
C VAL C 29 -14.68 9.40 3.37
N ALA C 30 -15.85 9.20 3.96
CA ALA C 30 -15.95 8.84 5.39
C ALA C 30 -16.51 7.43 5.52
N SER C 31 -16.19 6.78 6.64
CA SER C 31 -16.73 5.47 6.93
C SER C 31 -17.19 5.46 8.38
N ALA C 32 -18.13 4.59 8.70
CA ALA C 32 -18.57 4.35 10.06
C ALA C 32 -18.78 2.86 10.24
N ALA C 33 -18.34 2.34 11.38
CA ALA C 33 -18.57 0.95 11.73
C ALA C 33 -19.10 0.80 13.14
N LEU C 34 -19.90 -0.25 13.33
CA LEU C 34 -20.51 -0.58 14.62
C LEU C 34 -19.76 -1.73 15.27
N SER C 35 -19.46 -1.62 16.57
CA SER C 35 -18.83 -2.70 17.31
C SER C 35 -19.84 -3.52 18.11
N SER C 36 -19.50 -4.78 18.36
CA SER C 36 -20.32 -5.68 19.17
C SER C 36 -20.47 -5.17 20.63
N ASP C 37 -19.54 -4.33 21.06
CA ASP C 37 -19.59 -3.80 22.45
C ASP C 37 -20.32 -2.46 22.57
N GLY C 38 -21.07 -2.08 21.53
CA GLY C 38 -21.99 -0.96 21.65
C GLY C 38 -21.40 0.41 21.40
N ARG C 39 -20.54 0.50 20.38
CA ARG C 39 -19.89 1.76 20.03
C ARG C 39 -19.87 1.91 18.50
N ILE C 40 -19.68 3.14 18.04
CA ILE C 40 -19.61 3.42 16.60
C ILE C 40 -18.35 4.27 16.38
N PHE C 41 -17.56 3.89 15.37
CA PHE C 41 -16.29 4.55 15.07
C PHE C 41 -16.33 5.07 13.65
N THR C 42 -15.81 6.28 13.47
CA THR C 42 -15.80 6.91 12.16
C THR C 42 -14.34 7.19 11.76
N GLY C 43 -14.15 7.62 10.51
CA GLY C 43 -12.82 8.00 10.01
C GLY C 43 -12.96 8.52 8.60
N VAL C 44 -11.92 9.17 8.09
CA VAL C 44 -11.94 9.57 6.69
C VAL C 44 -10.66 9.02 6.09
N ASN C 45 -10.64 8.88 4.77
CA ASN C 45 -9.47 8.33 4.11
C ASN C 45 -8.29 9.29 4.12
N VAL C 46 -7.11 8.75 3.79
CA VAL C 46 -5.91 9.53 3.59
C VAL C 46 -5.37 9.13 2.21
N TYR C 47 -5.68 9.94 1.18
CA TYR C 47 -5.29 9.58 -0.17
C TYR C 47 -3.76 9.70 -0.36
N HIS C 48 -3.11 8.62 -0.81
CA HIS C 48 -1.69 8.71 -1.16
C HIS C 48 -1.29 7.58 -2.09
N PHE C 49 -0.45 7.88 -3.09
CA PHE C 49 -0.04 6.90 -4.11
C PHE C 49 0.71 5.68 -3.54
N THR C 50 1.32 5.83 -2.36
CA THR C 50 2.00 4.71 -1.68
C THR C 50 1.04 3.75 -1.01
N GLY C 51 -0.25 4.05 -1.10
CA GLY C 51 -1.31 3.22 -0.50
C GLY C 51 -1.82 3.83 0.80
N GLY C 52 -2.17 5.12 0.78
CA GLY C 52 -2.80 5.74 1.96
C GLY C 52 -4.11 5.02 2.25
N PRO C 53 -4.48 4.90 3.53
CA PRO C 53 -5.67 4.06 3.82
C PRO C 53 -7.00 4.63 3.35
N CYS C 54 -7.87 3.72 2.89
CA CYS C 54 -9.27 4.09 2.73
C CYS C 54 -9.89 4.42 4.09
N ALA C 55 -11.01 5.15 4.04
CA ALA C 55 -11.76 5.49 5.26
C ALA C 55 -12.04 4.24 6.12
N GLU C 56 -12.43 3.13 5.49
CA GLU C 56 -12.67 1.89 6.22
C GLU C 56 -11.47 1.46 7.09
N LEU C 57 -10.25 1.55 6.54
CA LEU C 57 -9.05 1.15 7.28
C LEU C 57 -8.71 2.10 8.44
N VAL C 58 -8.96 3.39 8.24
CA VAL C 58 -8.88 4.38 9.32
C VAL C 58 -9.88 4.01 10.41
N VAL C 59 -11.10 3.62 10.01
CA VAL C 59 -12.12 3.15 10.97
C VAL C 59 -11.59 1.94 11.76
N LEU C 60 -11.00 0.98 11.06
CA LEU C 60 -10.47 -0.23 11.71
C LEU C 60 -9.40 0.11 12.76
N GLY C 61 -8.50 1.04 12.43
CA GLY C 61 -7.44 1.45 13.37
C GLY C 61 -7.97 2.23 14.56
N THR C 62 -9.04 3.00 14.32
CA THR C 62 -9.72 3.81 15.34
C THR C 62 -10.43 2.87 16.33
N ALA C 63 -11.13 1.87 15.79
CA ALA C 63 -11.78 0.84 16.59
C ALA C 63 -10.73 0.08 17.40
N ALA C 64 -9.62 -0.31 16.77
CA ALA C 64 -8.56 -1.06 17.46
C ALA C 64 -7.95 -0.22 18.59
N ALA C 65 -7.74 1.07 18.36
CA ALA C 65 -7.21 1.99 19.40
C ALA C 65 -8.14 2.07 20.64
N ALA C 66 -9.41 1.79 20.41
CA ALA C 66 -10.42 1.87 21.47
C ALA C 66 -10.72 0.50 22.07
N ALA C 67 -9.90 -0.48 21.70
CA ALA C 67 -10.11 -1.89 22.08
C ALA C 67 -11.54 -2.37 21.79
N ALA C 68 -12.06 -1.97 20.63
CA ALA C 68 -13.33 -2.47 20.14
C ALA C 68 -13.04 -3.67 19.26
N GLY C 69 -13.04 -4.86 19.86
CA GLY C 69 -12.83 -6.10 19.13
C GLY C 69 -13.66 -6.19 17.86
N ASN C 70 -14.76 -6.90 17.92
CA ASN C 70 -15.56 -7.24 16.74
C ASN C 70 -16.39 -6.10 16.17
N LEU C 71 -16.13 -5.80 14.90
CA LEU C 71 -16.98 -4.89 14.15
C LEU C 71 -17.97 -5.72 13.34
N THR C 72 -19.23 -5.30 13.33
CA THR C 72 -20.31 -6.13 12.77
C THR C 72 -20.92 -5.55 11.50
N CYS C 73 -20.79 -4.23 11.33
CA CYS C 73 -21.31 -3.57 10.14
C CYS C 73 -20.45 -2.37 9.82
N ILE C 74 -20.26 -2.08 8.53
CA ILE C 74 -19.46 -0.92 8.08
C ILE C 74 -20.08 -0.34 6.82
N VAL C 75 -19.90 0.97 6.64
CA VAL C 75 -20.29 1.62 5.40
C VAL C 75 -19.30 2.74 5.06
N ALA C 76 -19.19 3.03 3.77
CA ALA C 76 -18.43 4.19 3.27
C ALA C 76 -19.36 5.14 2.52
N ILE C 77 -19.14 6.43 2.71
CA ILE C 77 -19.96 7.48 2.07
C ILE C 77 -19.02 8.48 1.42
N GLY C 78 -19.21 8.67 0.12
CA GLY C 78 -18.43 9.65 -0.62
C GLY C 78 -18.85 11.08 -0.38
N ASN C 79 -17.89 12.00 -0.50
CA ASN C 79 -18.17 13.44 -0.41
C ASN C 79 -19.03 13.90 -1.58
N GLU C 80 -19.42 15.17 -1.55
CA GLU C 80 -20.22 15.78 -2.61
C GLU C 80 -21.49 14.97 -2.93
N ASN C 81 -22.13 14.46 -1.88
CA ASN C 81 -23.43 13.78 -2.02
C ASN C 81 -23.40 12.52 -2.90
N ARG C 82 -22.26 11.85 -2.94
CA ARG C 82 -22.12 10.63 -3.74
C ARG C 82 -22.80 9.41 -3.12
N GLY C 83 -23.10 9.49 -1.83
CA GLY C 83 -23.78 8.39 -1.13
C GLY C 83 -22.91 7.17 -0.88
N ILE C 84 -23.57 6.03 -0.74
CA ILE C 84 -22.93 4.76 -0.42
C ILE C 84 -21.92 4.34 -1.50
N LEU C 85 -20.69 4.04 -1.06
CA LEU C 85 -19.68 3.46 -1.94
C LEU C 85 -19.37 2.05 -1.46
N SER C 86 -19.42 1.06 -2.37
CA SER C 86 -18.98 -0.30 -2.03
C SER C 86 -17.48 -0.29 -1.67
N PRO C 87 -17.06 -1.09 -0.68
CA PRO C 87 -15.63 -1.13 -0.33
C PRO C 87 -14.78 -1.59 -1.51
N CYS C 88 -13.63 -0.96 -1.68
CA CYS C 88 -12.71 -1.40 -2.72
C CYS C 88 -12.16 -2.78 -2.39
N GLY C 89 -11.52 -3.42 -3.37
CA GLY C 89 -11.00 -4.75 -3.15
C GLY C 89 -9.99 -4.83 -2.02
N LYS C 90 -9.14 -3.82 -1.87
CA LYS C 90 -8.18 -3.83 -0.75
C LYS C 90 -8.92 -3.88 0.59
N CYS C 91 -9.86 -2.97 0.77
CA CYS C 91 -10.63 -2.93 2.02
C CYS C 91 -11.35 -4.25 2.23
N ARG C 92 -11.89 -4.82 1.15
CA ARG C 92 -12.60 -6.12 1.29
C ARG C 92 -11.69 -7.19 1.89
N GLN C 93 -10.44 -7.27 1.40
CA GLN C 93 -9.48 -8.25 1.90
C GLN C 93 -9.13 -8.00 3.38
N VAL C 94 -8.86 -6.75 3.72
CA VAL C 94 -8.49 -6.44 5.11
C VAL C 94 -9.68 -6.75 6.03
N LEU C 95 -10.88 -6.36 5.61
CA LEU C 95 -12.12 -6.62 6.38
C LEU C 95 -12.37 -8.11 6.55
N LEU C 96 -12.22 -8.87 5.48
CA LEU C 96 -12.40 -10.33 5.57
C LEU C 96 -11.40 -10.96 6.53
N ASP C 97 -10.16 -10.50 6.49
CA ASP C 97 -9.10 -11.11 7.27
C ASP C 97 -9.14 -10.74 8.75
N LEU C 98 -9.61 -9.51 9.04
CA LEU C 98 -9.57 -8.97 10.43
C LEU C 98 -10.91 -8.98 11.15
N HIS C 99 -12.00 -8.92 10.39
CA HIS C 99 -13.37 -8.97 10.92
C HIS C 99 -14.26 -9.86 10.06
N PRO C 100 -13.97 -11.18 10.01
CA PRO C 100 -14.66 -12.09 9.10
C PRO C 100 -16.18 -12.13 9.28
N GLY C 101 -16.68 -11.77 10.46
CA GLY C 101 -18.12 -11.70 10.72
C GLY C 101 -18.84 -10.45 10.25
N ILE C 102 -18.10 -9.47 9.72
CA ILE C 102 -18.65 -8.16 9.37
C ILE C 102 -19.54 -8.18 8.11
N LYS C 103 -20.50 -7.28 8.08
CA LYS C 103 -21.28 -6.99 6.86
C LYS C 103 -20.96 -5.58 6.38
N ALA C 104 -20.97 -5.39 5.07
CA ALA C 104 -20.77 -4.06 4.50
C ALA C 104 -22.04 -3.62 3.80
N ILE C 105 -22.36 -2.35 3.94
CA ILE C 105 -23.53 -1.77 3.28
C ILE C 105 -23.14 -1.37 1.87
N VAL C 106 -23.83 -1.96 0.89
CA VAL C 106 -23.62 -1.68 -0.53
C VAL C 106 -24.98 -1.42 -1.18
N LYS C 107 -24.97 -0.91 -2.40
CA LYS C 107 -26.20 -0.73 -3.16
C LYS C 107 -26.50 -1.99 -3.97
N ASP C 108 -27.79 -2.34 -4.04
CA ASP C 108 -28.25 -3.41 -4.93
C ASP C 108 -28.47 -2.87 -6.35
N SER C 109 -28.94 -3.74 -7.24
CA SER C 109 -29.21 -3.40 -8.65
C SER C 109 -30.22 -2.26 -8.82
N ASP C 110 -31.04 -2.04 -7.79
CA ASP C 110 -32.01 -0.96 -7.78
C ASP C 110 -31.43 0.31 -7.17
N GLY C 111 -30.19 0.23 -6.70
CA GLY C 111 -29.51 1.34 -6.05
C GLY C 111 -30.00 1.50 -4.62
N GLN C 112 -30.56 0.42 -4.09
CA GLN C 112 -31.10 0.39 -2.73
C GLN C 112 -30.07 -0.21 -1.75
N PRO C 113 -29.84 0.49 -0.62
CA PRO C 113 -28.87 0.01 0.36
C PRO C 113 -29.22 -1.37 0.93
N THR C 114 -28.21 -2.24 1.02
CA THR C 114 -28.34 -3.56 1.60
C THR C 114 -27.04 -3.95 2.28
N ALA C 115 -27.14 -4.70 3.37
CA ALA C 115 -25.95 -5.15 4.08
C ALA C 115 -25.60 -6.57 3.68
N VAL C 116 -24.37 -6.77 3.23
CA VAL C 116 -23.94 -8.07 2.72
C VAL C 116 -22.71 -8.58 3.47
N GLY C 117 -22.68 -9.88 3.74
CA GLY C 117 -21.56 -10.50 4.43
C GLY C 117 -20.28 -10.27 3.65
N ILE C 118 -19.19 -9.98 4.35
CA ILE C 118 -17.91 -9.69 3.66
C ILE C 118 -17.44 -10.80 2.69
N ARG C 119 -17.64 -12.07 3.07
CA ARG C 119 -17.28 -13.20 2.21
C ARG C 119 -17.94 -13.17 0.84
N GLU C 120 -19.16 -12.63 0.78
CA GLU C 120 -19.91 -12.54 -0.47
C GLU C 120 -19.32 -11.50 -1.41
N LEU C 121 -18.59 -10.53 -0.85
CA LEU C 121 -17.95 -9.49 -1.65
C LEU C 121 -16.58 -9.93 -2.19
N LEU C 122 -16.11 -11.10 -1.74
CA LEU C 122 -14.89 -11.72 -2.26
C LEU C 122 -15.12 -13.20 -2.60
N PRO C 123 -15.89 -13.46 -3.67
CA PRO C 123 -16.13 -14.86 -4.03
C PRO C 123 -14.83 -15.54 -4.48
N SER C 124 -14.74 -16.86 -4.30
CA SER C 124 -13.50 -17.62 -4.54
C SER C 124 -12.33 -16.91 -3.88
N GLY C 125 -12.50 -16.58 -2.59
CA GLY C 125 -11.58 -15.71 -1.87
C GLY C 125 -10.16 -16.24 -1.81
N TYR C 126 -9.19 -15.32 -1.79
CA TYR C 126 -7.80 -15.69 -1.64
C TYR C 126 -7.58 -16.40 -0.31
N VAL C 127 -6.98 -17.59 -0.36
CA VAL C 127 -6.44 -18.24 0.82
C VAL C 127 -5.05 -18.81 0.52
N LEU D 3 -9.96 -25.10 -19.06
CA LEU D 3 -9.23 -23.95 -19.67
C LEU D 3 -8.79 -24.22 -21.10
N SER D 4 -8.66 -23.16 -21.88
CA SER D 4 -7.99 -23.20 -23.18
C SER D 4 -6.51 -23.53 -22.98
N GLN D 5 -5.83 -23.87 -24.08
CA GLN D 5 -4.39 -24.19 -24.04
C GLN D 5 -3.51 -23.00 -23.67
N GLU D 6 -3.87 -21.82 -24.16
CA GLU D 6 -3.20 -20.56 -23.79
C GLU D 6 -3.28 -20.34 -22.28
N GLU D 7 -4.46 -20.62 -21.72
CA GLU D 7 -4.68 -20.46 -20.29
C GLU D 7 -3.87 -21.49 -19.48
N SER D 8 -3.87 -22.74 -19.92
CA SER D 8 -3.07 -23.79 -19.29
C SER D 8 -1.57 -23.45 -19.27
N THR D 9 -1.09 -22.87 -20.37
CA THR D 9 0.28 -22.41 -20.48
C THR D 9 0.66 -21.39 -19.38
N LEU D 10 -0.28 -20.51 -19.04
CA LEU D 10 -0.06 -19.51 -17.99
C LEU D 10 0.28 -20.18 -16.66
N ILE D 11 -0.47 -21.25 -16.35
CA ILE D 11 -0.26 -22.01 -15.14
C ILE D 11 1.13 -22.65 -15.17
N GLU D 12 1.49 -23.23 -16.32
CA GLU D 12 2.80 -23.82 -16.51
C GLU D 12 3.92 -22.81 -16.30
N ARG D 13 3.78 -21.65 -16.93
CA ARG D 13 4.80 -20.60 -16.85
C ARG D 13 4.99 -20.08 -15.42
N ALA D 14 3.88 -19.77 -14.74
CA ALA D 14 3.93 -19.28 -13.37
C ALA D 14 4.51 -20.30 -12.39
N THR D 15 4.14 -21.57 -12.59
CA THR D 15 4.66 -22.68 -11.77
C THR D 15 6.16 -22.83 -11.96
N ALA D 16 6.60 -22.84 -13.22
CA ALA D 16 8.04 -22.88 -13.54
C ALA D 16 8.80 -21.73 -12.87
N THR D 17 8.23 -20.52 -12.93
CA THR D 17 8.85 -19.34 -12.37
C THR D 17 9.04 -19.46 -10.87
N ILE D 18 7.98 -19.77 -10.13
CA ILE D 18 8.14 -19.87 -8.68
C ILE D 18 9.04 -21.05 -8.26
N ASN D 19 8.97 -22.16 -9.00
CA ASN D 19 9.79 -23.34 -8.67
C ASN D 19 11.28 -23.17 -9.00
N SER D 20 11.60 -22.18 -9.84
CA SER D 20 12.98 -21.90 -10.28
C SER D 20 13.81 -21.05 -9.33
N ILE D 21 13.16 -20.47 -8.32
CA ILE D 21 13.87 -19.53 -7.43
C ILE D 21 13.99 -20.10 -6.01
N PRO D 22 15.01 -19.67 -5.23
CA PRO D 22 15.14 -20.18 -3.87
C PRO D 22 13.90 -19.93 -3.04
N ILE D 23 13.58 -20.86 -2.14
CA ILE D 23 12.44 -20.71 -1.25
C ILE D 23 12.67 -19.48 -0.38
N SER D 24 11.67 -18.60 -0.33
CA SER D 24 11.80 -17.31 0.33
C SER D 24 10.46 -16.87 0.91
N GLU D 25 10.51 -16.21 2.07
CA GLU D 25 9.33 -15.59 2.67
C GLU D 25 9.01 -14.23 2.03
N ASP D 26 9.98 -13.62 1.36
CA ASP D 26 9.76 -12.35 0.66
C ASP D 26 9.26 -12.55 -0.77
N TYR D 27 9.75 -13.61 -1.41
CA TYR D 27 9.46 -13.89 -2.82
C TYR D 27 8.84 -15.29 -2.87
N SER D 28 7.52 -15.34 -2.73
CA SER D 28 6.79 -16.60 -2.43
C SER D 28 5.69 -16.99 -3.42
N VAL D 29 5.37 -16.10 -4.36
CA VAL D 29 4.27 -16.31 -5.32
C VAL D 29 4.78 -15.84 -6.67
N ALA D 30 4.44 -16.58 -7.73
CA ALA D 30 4.65 -16.09 -9.09
C ALA D 30 3.34 -15.93 -9.80
N SER D 31 3.33 -15.06 -10.80
CA SER D 31 2.15 -14.86 -11.60
C SER D 31 2.56 -14.85 -13.07
N ALA D 32 1.62 -15.17 -13.94
CA ALA D 32 1.79 -15.04 -15.39
C ALA D 32 0.51 -14.51 -16.02
N ALA D 33 0.67 -13.61 -17.00
CA ALA D 33 -0.48 -13.02 -17.69
C ALA D 33 -0.28 -13.08 -19.19
N LEU D 34 -1.39 -13.20 -19.89
CA LEU D 34 -1.47 -13.20 -21.35
C LEU D 34 -1.93 -11.83 -21.83
N SER D 35 -1.20 -11.27 -22.80
CA SER D 35 -1.61 -10.02 -23.44
C SER D 35 -2.52 -10.34 -24.64
N SER D 36 -3.25 -9.34 -25.13
CA SER D 36 -4.18 -9.54 -26.25
C SER D 36 -3.50 -10.07 -27.51
N ASP D 37 -2.22 -9.72 -27.70
CA ASP D 37 -1.49 -10.20 -28.87
C ASP D 37 -0.77 -11.54 -28.66
N GLY D 38 -0.98 -12.18 -27.51
CA GLY D 38 -0.46 -13.52 -27.25
C GLY D 38 0.84 -13.66 -26.48
N ARG D 39 1.43 -12.54 -26.07
CA ARG D 39 2.65 -12.56 -25.29
C ARG D 39 2.35 -12.96 -23.85
N ILE D 40 3.34 -13.56 -23.19
CA ILE D 40 3.20 -13.93 -21.79
C ILE D 40 4.21 -13.15 -20.95
N PHE D 41 3.75 -12.64 -19.81
CA PHE D 41 4.60 -11.89 -18.89
C PHE D 41 4.52 -12.50 -17.51
N THR D 42 5.68 -12.63 -16.85
CA THR D 42 5.74 -13.27 -15.54
C THR D 42 6.29 -12.30 -14.50
N GLY D 43 6.18 -12.68 -13.24
CA GLY D 43 6.70 -11.90 -12.14
C GLY D 43 6.55 -12.65 -10.84
N VAL D 44 7.25 -12.18 -9.83
CA VAL D 44 7.13 -12.72 -8.47
C VAL D 44 6.79 -11.56 -7.53
N ASN D 45 6.13 -11.86 -6.40
CA ASN D 45 5.79 -10.83 -5.42
C ASN D 45 7.01 -10.22 -4.70
N VAL D 46 6.74 -9.10 -4.03
CA VAL D 46 7.75 -8.46 -3.15
C VAL D 46 7.03 -8.17 -1.84
N TYR D 47 7.13 -9.07 -0.88
CA TYR D 47 6.41 -8.90 0.36
C TYR D 47 6.93 -7.71 1.16
N HIS D 48 6.03 -6.83 1.60
CA HIS D 48 6.40 -5.82 2.55
C HIS D 48 5.19 -5.22 3.26
N PHE D 49 5.37 -4.95 4.57
CA PHE D 49 4.28 -4.47 5.39
C PHE D 49 3.71 -3.14 4.89
N THR D 50 4.52 -2.36 4.16
CA THR D 50 4.07 -1.09 3.59
C THR D 50 3.18 -1.27 2.34
N GLY D 51 2.92 -2.52 1.95
CA GLY D 51 2.16 -2.80 0.74
C GLY D 51 3.08 -3.18 -0.42
N GLY D 52 4.04 -4.08 -0.17
CA GLY D 52 4.83 -4.59 -1.30
C GLY D 52 3.92 -5.27 -2.32
N PRO D 53 4.23 -5.18 -3.64
CA PRO D 53 3.24 -5.69 -4.60
C PRO D 53 3.08 -7.22 -4.58
N CYS D 54 1.86 -7.70 -4.78
CA CYS D 54 1.68 -9.11 -5.12
C CYS D 54 2.27 -9.38 -6.49
N ALA D 55 2.51 -10.66 -6.75
CA ALA D 55 3.05 -11.13 -8.03
C ALA D 55 2.25 -10.54 -9.23
N GLU D 56 0.92 -10.50 -9.12
CA GLU D 56 0.08 -9.97 -10.18
C GLU D 56 0.47 -8.54 -10.53
N LEU D 57 0.73 -7.71 -9.52
CA LEU D 57 1.05 -6.31 -9.80
C LEU D 57 2.44 -6.15 -10.41
N VAL D 58 3.37 -7.02 -10.01
CA VAL D 58 4.67 -7.07 -10.67
C VAL D 58 4.51 -7.43 -12.16
N VAL D 59 3.61 -8.37 -12.44
CA VAL D 59 3.29 -8.76 -13.83
C VAL D 59 2.72 -7.57 -14.60
N LEU D 60 1.79 -6.85 -13.97
CA LEU D 60 1.21 -5.64 -14.59
C LEU D 60 2.26 -4.62 -14.98
N GLY D 61 3.27 -4.41 -14.14
CA GLY D 61 4.32 -3.44 -14.44
C GLY D 61 5.27 -3.94 -15.50
N THR D 62 5.51 -5.25 -15.49
CA THR D 62 6.36 -5.94 -16.48
C THR D 62 5.73 -5.83 -17.85
N ALA D 63 4.42 -6.08 -17.93
CA ALA D 63 3.66 -6.00 -19.19
C ALA D 63 3.63 -4.54 -19.69
N ALA D 64 3.41 -3.62 -18.75
CA ALA D 64 3.42 -2.19 -19.06
C ALA D 64 4.77 -1.75 -19.62
N ALA D 65 5.86 -2.28 -19.07
CA ALA D 65 7.23 -1.96 -19.53
C ALA D 65 7.45 -2.43 -20.98
N ALA D 66 6.66 -3.42 -21.41
CA ALA D 66 6.76 -3.96 -22.78
C ALA D 66 5.70 -3.39 -23.71
N ALA D 67 4.95 -2.39 -23.24
CA ALA D 67 3.82 -1.80 -23.98
C ALA D 67 2.85 -2.89 -24.46
N ALA D 68 2.55 -3.83 -23.55
CA ALA D 68 1.71 -4.98 -23.86
C ALA D 68 0.24 -4.65 -24.13
N GLY D 69 -0.23 -3.48 -23.69
CA GLY D 69 -1.64 -3.16 -23.79
C GLY D 69 -2.50 -4.03 -22.89
N ASN D 70 -3.65 -4.48 -23.42
CA ASN D 70 -4.62 -5.25 -22.64
C ASN D 70 -4.09 -6.62 -22.25
N LEU D 71 -4.27 -6.96 -20.97
CA LEU D 71 -4.01 -8.32 -20.48
C LEU D 71 -5.35 -9.01 -20.38
N THR D 72 -5.43 -10.25 -20.87
CA THR D 72 -6.71 -10.94 -21.03
C THR D 72 -6.93 -12.05 -20.02
N CYS D 73 -5.85 -12.59 -19.49
CA CYS D 73 -5.90 -13.66 -18.52
C CYS D 73 -4.71 -13.56 -17.60
N ILE D 74 -4.90 -13.93 -16.34
CA ILE D 74 -3.82 -13.94 -15.34
C ILE D 74 -4.02 -15.09 -14.34
N VAL D 75 -2.92 -15.55 -13.78
CA VAL D 75 -2.94 -16.58 -12.73
C VAL D 75 -1.82 -16.34 -11.74
N ALA D 76 -2.05 -16.76 -10.50
CA ALA D 76 -1.00 -16.76 -9.48
C ALA D 76 -0.75 -18.18 -8.96
N ILE D 77 0.51 -18.53 -8.80
CA ILE D 77 0.91 -19.84 -8.29
C ILE D 77 1.80 -19.69 -7.06
N GLY D 78 1.40 -20.32 -5.96
CA GLY D 78 2.18 -20.27 -4.73
C GLY D 78 3.38 -21.18 -4.73
N ASN D 79 4.40 -20.79 -3.97
CA ASN D 79 5.57 -21.65 -3.80
C ASN D 79 5.21 -22.92 -3.03
N GLU D 80 6.19 -23.81 -2.89
CA GLU D 80 6.02 -25.06 -2.13
C GLU D 80 4.79 -25.83 -2.59
N ASN D 81 4.65 -25.93 -3.91
CA ASN D 81 3.57 -26.70 -4.57
C ASN D 81 2.18 -26.38 -4.08
N ARG D 82 1.92 -25.11 -3.76
CA ARG D 82 0.60 -24.68 -3.31
C ARG D 82 -0.42 -24.57 -4.43
N GLY D 83 0.05 -24.51 -5.68
CA GLY D 83 -0.84 -24.41 -6.83
C GLY D 83 -1.50 -23.05 -6.96
N ILE D 84 -2.63 -23.05 -7.65
CA ILE D 84 -3.37 -21.84 -7.99
C ILE D 84 -3.89 -21.12 -6.74
N LEU D 85 -3.67 -19.80 -6.71
CA LEU D 85 -4.12 -18.95 -5.63
C LEU D 85 -5.02 -17.88 -6.23
N SER D 86 -6.23 -17.72 -5.69
CA SER D 86 -7.14 -16.67 -6.16
C SER D 86 -6.53 -15.30 -5.84
N PRO D 87 -6.67 -14.31 -6.76
CA PRO D 87 -6.05 -13.01 -6.45
C PRO D 87 -6.69 -12.38 -5.19
N CYS D 88 -5.88 -11.73 -4.36
CA CYS D 88 -6.41 -11.03 -3.19
C CYS D 88 -7.27 -9.83 -3.61
N GLY D 89 -7.97 -9.24 -2.64
CA GLY D 89 -8.85 -8.13 -2.96
C GLY D 89 -8.15 -6.93 -3.56
N LYS D 90 -6.95 -6.63 -3.06
CA LYS D 90 -6.18 -5.50 -3.60
C LYS D 90 -5.90 -5.75 -5.10
N CYS D 91 -5.38 -6.93 -5.42
CA CYS D 91 -5.12 -7.25 -6.83
C CYS D 91 -6.39 -7.22 -7.67
N ARG D 92 -7.48 -7.73 -7.14
CA ARG D 92 -8.74 -7.67 -7.87
C ARG D 92 -9.11 -6.25 -8.25
N GLN D 93 -8.93 -5.32 -7.30
CA GLN D 93 -9.25 -3.92 -7.54
C GLN D 93 -8.38 -3.33 -8.64
N VAL D 94 -7.08 -3.57 -8.55
CA VAL D 94 -6.16 -3.00 -9.55
C VAL D 94 -6.45 -3.60 -10.95
N LEU D 95 -6.70 -4.91 -10.98
CA LEU D 95 -7.02 -5.60 -12.24
C LEU D 95 -8.30 -5.05 -12.88
N LEU D 96 -9.35 -4.87 -12.05
CA LEU D 96 -10.60 -4.31 -12.51
C LEU D 96 -10.41 -2.91 -13.13
N ASP D 97 -9.66 -2.07 -12.42
CA ASP D 97 -9.45 -0.70 -12.82
C ASP D 97 -8.53 -0.55 -14.03
N LEU D 98 -7.48 -1.36 -14.12
CA LEU D 98 -6.49 -1.23 -15.20
C LEU D 98 -6.69 -2.20 -16.38
N HIS D 99 -7.31 -3.35 -16.11
CA HIS D 99 -7.59 -4.32 -17.17
C HIS D 99 -9.01 -4.90 -17.02
N PRO D 100 -10.05 -4.05 -17.20
CA PRO D 100 -11.43 -4.49 -16.93
C PRO D 100 -11.87 -5.73 -17.74
N GLY D 101 -11.22 -5.96 -18.88
CA GLY D 101 -11.54 -7.13 -19.71
C GLY D 101 -10.87 -8.42 -19.28
N ILE D 102 -10.08 -8.38 -18.21
CA ILE D 102 -9.28 -9.54 -17.82
C ILE D 102 -10.10 -10.64 -17.14
N LYS D 103 -9.64 -11.87 -17.31
CA LYS D 103 -10.10 -13.00 -16.51
C LYS D 103 -8.99 -13.53 -15.62
N ALA D 104 -9.33 -13.94 -14.42
CA ALA D 104 -8.36 -14.58 -13.54
C ALA D 104 -8.68 -16.07 -13.41
N ILE D 105 -7.63 -16.88 -13.43
CA ILE D 105 -7.77 -18.32 -13.22
C ILE D 105 -7.83 -18.60 -11.72
N VAL D 106 -8.90 -19.27 -11.30
CA VAL D 106 -9.07 -19.67 -9.92
C VAL D 106 -9.49 -21.14 -9.89
N LYS D 107 -9.49 -21.76 -8.71
CA LYS D 107 -9.98 -23.12 -8.58
C LYS D 107 -11.49 -23.11 -8.38
N ASP D 108 -12.17 -24.05 -9.04
CA ASP D 108 -13.60 -24.23 -8.82
C ASP D 108 -13.86 -25.18 -7.64
N SER D 109 -15.13 -25.52 -7.42
CA SER D 109 -15.53 -26.35 -6.28
C SER D 109 -14.81 -27.67 -6.20
N ASP D 110 -14.41 -28.19 -7.34
CA ASP D 110 -13.74 -29.48 -7.42
C ASP D 110 -12.22 -29.36 -7.44
N GLY D 111 -11.74 -28.14 -7.22
CA GLY D 111 -10.30 -27.85 -7.22
C GLY D 111 -9.71 -27.74 -8.61
N GLN D 112 -10.57 -27.60 -9.62
CA GLN D 112 -10.15 -27.54 -11.01
C GLN D 112 -10.09 -26.10 -11.54
N PRO D 113 -9.03 -25.77 -12.29
CA PRO D 113 -8.83 -24.41 -12.80
C PRO D 113 -9.98 -23.89 -13.67
N THR D 114 -10.41 -22.66 -13.40
CA THR D 114 -11.47 -22.04 -14.18
C THR D 114 -11.16 -20.54 -14.37
N ALA D 115 -11.41 -20.02 -15.57
CA ALA D 115 -11.18 -18.61 -15.87
C ALA D 115 -12.43 -17.79 -15.57
N VAL D 116 -12.32 -16.86 -14.62
CA VAL D 116 -13.47 -16.02 -14.23
C VAL D 116 -13.22 -14.53 -14.50
N GLY D 117 -14.23 -13.87 -15.06
CA GLY D 117 -14.19 -12.45 -15.35
C GLY D 117 -13.94 -11.68 -14.07
N ILE D 118 -13.10 -10.66 -14.15
CA ILE D 118 -12.71 -9.90 -12.95
C ILE D 118 -13.91 -9.28 -12.18
N ARG D 119 -14.94 -8.83 -12.90
CA ARG D 119 -16.15 -8.26 -12.26
C ARG D 119 -16.89 -9.24 -11.38
N GLU D 120 -16.86 -10.52 -11.76
CA GLU D 120 -17.45 -11.60 -10.93
C GLU D 120 -16.66 -11.83 -9.64
N LEU D 121 -15.38 -11.49 -9.65
CA LEU D 121 -14.54 -11.63 -8.45
C LEU D 121 -14.66 -10.43 -7.49
N LEU D 122 -15.29 -9.36 -7.96
CA LEU D 122 -15.58 -8.19 -7.14
C LEU D 122 -17.06 -7.75 -7.34
N PRO D 123 -18.01 -8.53 -6.80
CA PRO D 123 -19.42 -8.14 -6.97
C PRO D 123 -19.73 -6.78 -6.33
N SER D 124 -20.72 -6.07 -6.88
CA SER D 124 -21.03 -4.69 -6.48
C SER D 124 -19.74 -3.88 -6.36
N GLY D 125 -18.89 -3.94 -7.38
CA GLY D 125 -17.52 -3.46 -7.32
C GLY D 125 -17.36 -1.95 -7.25
N TYR D 126 -16.45 -1.49 -6.39
CA TYR D 126 -16.19 -0.06 -6.24
C TYR D 126 -15.81 0.57 -7.56
ZN ZN E . 8.36 4.73 -4.67
AS CAC F . 9.36 6.65 -7.18
O1 CAC F . 9.59 6.07 -5.58
O2 CAC F . 9.32 5.36 -8.33
C1 CAC F . 7.69 7.62 -7.34
C2 CAC F . 10.88 7.80 -7.71
CL CL G . -0.18 -0.16 -0.02
ZN ZN H . 4.87 3.59 8.86
AS CAC I . 5.73 2.92 12.00
O1 CAC I . 6.01 3.77 10.54
O2 CAC I . 4.14 3.21 12.65
C1 CAC I . 6.02 0.99 11.84
C2 CAC I . 6.97 3.57 13.39
ZN ZN J . -10.94 0.76 0.11
AS CAC K . -13.47 2.82 -0.45
O1 CAC K . -12.71 1.27 -0.37
O2 CAC K . -13.26 3.72 1.03
C1 CAC K . -12.68 3.85 -1.91
C2 CAC K . -15.41 2.67 -0.71
ZN ZN L . -2.81 -9.73 -4.37
AS CAC M . -2.11 -12.98 -4.46
O1 CAC M . -3.30 -11.72 -4.65
O2 CAC M . -0.75 -12.77 -5.50
C1 CAC M . -1.41 -13.21 -2.62
C2 CAC M . -2.92 -14.68 -5.00
#